data_2I10
#
_entry.id   2I10
#
_cell.length_a   44.709
_cell.length_b   53.554
_cell.length_c   178.946
_cell.angle_alpha   90.00
_cell.angle_beta   90.00
_cell.angle_gamma   90.00
#
_symmetry.space_group_name_H-M   'P 21 21 21'
#
loop_
_entity.id
_entity.type
_entity.pdbx_description
1 polymer 'Putative TetR transcriptional regulator'
2 non-polymer P-NITROPHENOL
3 non-polymer 'TRIETHYLENE GLYCOL'
4 water water
#
_entity_poly.entity_id   1
_entity_poly.type   'polypeptide(L)'
_entity_poly.pdbx_seq_one_letter_code
;GH(MSE)PGGRRRGFDDQVALQTA(MSE)ELFWRQGYEGTSITDLTKALGINPPSLYAAFGSKRDLFEKTLDRY(MSE)C
ERTLQLEEA(MSE)VRPTAHEAVLDFLTGRVEVFTAPGQPFGC(MSE)TVQAGLASGEPHHEIVDLLTAAREQ(MSE)RQ
TVLDRFEKALADGDLPAGTDCTALARYV(MSE)AAVYGLSVEAASGAPREELTAAAILAAQVVPRAQ(MSE)GS
;
_entity_poly.pdbx_strand_id   A,B
#
# COMPACT_ATOMS: atom_id res chain seq x y z
N ASP A 12 23.10 16.01 2.92
CA ASP A 12 23.17 14.82 3.84
C ASP A 12 23.70 13.54 3.15
N ASP A 13 23.16 12.40 3.57
CA ASP A 13 23.24 11.12 2.85
C ASP A 13 22.21 10.08 3.36
N GLN A 14 21.05 10.64 3.66
CA GLN A 14 19.78 9.98 3.52
C GLN A 14 19.76 9.36 2.12
N VAL A 15 20.34 10.07 1.15
CA VAL A 15 20.42 9.60 -0.24
C VAL A 15 21.43 8.48 -0.48
N ALA A 16 22.52 8.46 0.30
CA ALA A 16 23.48 7.36 0.23
C ALA A 16 22.77 6.07 0.59
N LEU A 17 21.96 6.11 1.64
CA LEU A 17 21.19 4.94 2.10
C LEU A 17 20.11 4.52 1.09
N GLN A 18 19.51 5.51 0.42
CA GLN A 18 18.63 5.21 -0.73
C GLN A 18 19.39 4.41 -1.79
N THR A 19 20.56 4.88 -2.20
CA THR A 19 21.33 4.19 -3.22
C THR A 19 21.77 2.79 -2.76
N ALA A 20 22.09 2.67 -1.47
CA ALA A 20 22.45 1.37 -0.87
C ALA A 20 21.27 0.43 -0.92
N GLU A 22 18.95 0.43 -3.09
CA GLU A 22 18.73 0.06 -4.51
C GLU A 22 19.64 -1.11 -4.88
N LEU A 23 20.91 -1.00 -4.51
CA LEU A 23 21.88 -2.06 -4.75
C LEU A 23 21.52 -3.37 -4.02
N PHE A 24 21.16 -3.27 -2.73
CA PHE A 24 20.79 -4.46 -1.94
C PHE A 24 19.51 -5.13 -2.48
N TRP A 25 18.57 -4.32 -2.94
CA TRP A 25 17.32 -4.83 -3.53
C TRP A 25 17.64 -5.72 -4.73
N ARG A 26 18.57 -5.27 -5.56
CA ARG A 26 18.99 -5.98 -6.77
C ARG A 26 19.88 -7.21 -6.50
N GLN A 27 20.94 -7.01 -5.72
CA GLN A 27 21.99 -8.00 -5.56
C GLN A 27 21.84 -8.84 -4.29
N GLY A 28 20.99 -8.35 -3.38
CA GLY A 28 20.93 -8.86 -2.03
C GLY A 28 22.18 -8.50 -1.24
N TYR A 29 22.27 -9.03 -0.05
CA TYR A 29 23.39 -8.76 0.87
C TYR A 29 24.68 -9.50 0.53
N GLU A 30 24.62 -10.82 0.44
CA GLU A 30 25.86 -11.64 0.39
C GLU A 30 26.70 -11.37 -0.87
N GLY A 31 26.01 -11.05 -1.96
CA GLY A 31 26.66 -10.83 -3.24
C GLY A 31 27.04 -9.39 -3.47
N THR A 32 26.81 -8.54 -2.49
CA THR A 32 27.23 -7.13 -2.55
C THR A 32 28.54 -6.96 -1.80
N SER A 33 29.50 -6.29 -2.45
CA SER A 33 30.80 -6.07 -1.82
C SER A 33 30.91 -4.59 -1.52
N ILE A 34 31.91 -4.23 -0.72
CA ILE A 34 32.21 -2.85 -0.39
C ILE A 34 32.62 -2.14 -1.65
N THR A 35 33.25 -2.88 -2.55
CA THR A 35 33.66 -2.33 -3.82
C THR A 35 32.43 -2.01 -4.71
N ASP A 36 31.39 -2.83 -4.65
CA ASP A 36 30.11 -2.47 -5.30
C ASP A 36 29.51 -1.21 -4.67
N LEU A 37 29.54 -1.12 -3.34
CA LEU A 37 28.89 -0.04 -2.61
C LEU A 37 29.55 1.29 -2.78
N THR A 38 30.88 1.31 -2.75
CA THR A 38 31.65 2.51 -2.90
C THR A 38 31.51 3.10 -4.30
N LYS A 39 31.46 2.23 -5.31
CA LYS A 39 31.30 2.65 -6.69
C LYS A 39 29.86 3.10 -6.99
N ALA A 40 28.87 2.55 -6.28
CA ALA A 40 27.49 3.01 -6.41
C ALA A 40 27.22 4.30 -5.60
N LEU A 41 27.78 4.38 -4.39
CA LEU A 41 27.60 5.56 -3.56
C LEU A 41 28.58 6.67 -3.93
N GLY A 42 29.56 6.33 -4.76
CA GLY A 42 30.64 7.23 -5.11
C GLY A 42 31.53 7.69 -3.97
N ILE A 43 31.67 6.86 -2.93
CA ILE A 43 32.51 7.22 -1.76
C ILE A 43 33.49 6.11 -1.42
N ASN A 44 34.66 6.48 -0.93
CA ASN A 44 35.70 5.52 -0.57
C ASN A 44 35.38 4.77 0.73
N PRO A 45 35.89 3.53 0.87
CA PRO A 45 35.55 2.67 2.05
C PRO A 45 35.77 3.29 3.45
N PRO A 46 36.88 4.01 3.70
CA PRO A 46 37.00 4.62 5.03
C PRO A 46 35.83 5.56 5.35
N SER A 47 35.40 6.30 4.33
CA SER A 47 34.22 7.13 4.46
C SER A 47 32.98 6.32 4.75
N LEU A 48 32.79 5.23 4.03
CA LEU A 48 31.68 4.31 4.31
C LEU A 48 31.75 3.79 5.76
N TYR A 49 32.95 3.46 6.25
CA TYR A 49 33.10 2.99 7.62
C TYR A 49 32.81 4.06 8.68
N ALA A 50 33.25 5.28 8.42
CA ALA A 50 32.97 6.41 9.32
C ALA A 50 31.46 6.72 9.43
N ALA A 51 30.79 6.80 8.28
CA ALA A 51 29.37 7.16 8.22
C ALA A 51 28.46 6.02 8.62
N PHE A 52 28.74 4.79 8.16
CA PHE A 52 27.75 3.72 8.32
C PHE A 52 28.21 2.45 9.05
N GLY A 53 29.52 2.21 9.12
CA GLY A 53 30.03 1.00 9.76
C GLY A 53 30.38 -0.07 8.75
N SER A 54 30.27 -1.35 9.13
CA SER A 54 30.59 -2.43 8.21
C SER A 54 29.47 -2.59 7.16
N LYS A 55 29.70 -3.42 6.14
CA LYS A 55 28.65 -3.83 5.25
C LYS A 55 27.43 -4.25 6.02
N ARG A 56 27.59 -5.00 7.11
CA ARG A 56 26.48 -5.44 7.95
CA ARG A 56 26.43 -5.42 7.89
C ARG A 56 25.73 -4.25 8.55
N ASP A 57 26.49 -3.30 9.08
CA ASP A 57 25.88 -2.15 9.74
C ASP A 57 25.10 -1.32 8.74
N LEU A 58 25.71 -1.05 7.58
CA LEU A 58 25.07 -0.34 6.50
C LEU A 58 23.80 -1.07 6.05
N PHE A 59 23.87 -2.39 5.89
CA PHE A 59 22.69 -3.17 5.54
C PHE A 59 21.58 -3.00 6.56
N GLU A 60 21.91 -3.22 7.83
CA GLU A 60 20.93 -3.03 8.91
C GLU A 60 20.37 -1.61 8.91
N LYS A 61 21.22 -0.61 8.65
CA LYS A 61 20.77 0.80 8.66
C LYS A 61 19.74 1.10 7.56
N THR A 62 20.04 0.61 6.37
CA THR A 62 19.22 0.75 5.20
C THR A 62 17.86 0.02 5.39
N LEU A 63 17.89 -1.16 5.99
CA LEU A 63 16.68 -1.91 6.32
C LEU A 63 15.85 -1.20 7.35
N ASP A 64 16.49 -0.69 8.40
CA ASP A 64 15.79 0.09 9.42
C ASP A 64 15.15 1.38 8.85
N ARG A 65 15.74 1.93 7.80
CA ARG A 65 15.17 3.10 7.13
C ARG A 65 13.89 2.78 6.32
N TYR A 66 13.88 1.63 5.67
CA TYR A 66 12.89 1.31 4.64
C TYR A 66 11.91 0.17 4.95
N CYS A 68 8.67 -1.34 6.82
CA CYS A 68 7.42 -0.87 7.41
C CYS A 68 7.19 -1.53 8.73
N GLU A 69 7.73 -2.75 8.87
CA GLU A 69 7.48 -3.56 10.03
C GLU A 69 8.45 -3.11 11.11
N ARG A 70 7.91 -2.65 12.23
CA ARG A 70 8.75 -2.21 13.33
C ARG A 70 8.42 -3.12 14.54
N THR A 71 9.07 -4.26 14.55
CA THR A 71 8.71 -5.31 15.50
C THR A 71 8.80 -4.92 16.99
N LEU A 72 9.84 -4.15 17.35
CA LEU A 72 10.11 -3.77 18.72
C LEU A 72 8.98 -2.91 19.27
N GLN A 73 8.53 -1.98 18.44
CA GLN A 73 7.45 -1.09 18.83
C GLN A 73 6.08 -1.77 18.77
N LEU A 74 5.88 -2.64 17.77
CA LEU A 74 4.74 -3.58 17.77
C LEU A 74 4.63 -4.42 19.06
N GLU A 75 5.67 -5.17 19.40
CA GLU A 75 5.61 -6.05 20.58
C GLU A 75 5.29 -5.26 21.85
N GLU A 76 5.93 -4.11 22.02
CA GLU A 76 5.66 -3.19 23.13
C GLU A 76 4.16 -2.79 23.19
N ALA A 77 3.57 -2.48 22.03
CA ALA A 77 2.13 -2.18 21.94
C ALA A 77 1.24 -3.34 22.43
N VAL A 79 1.66 -5.42 24.77
CA VAL A 79 1.61 -5.58 26.25
C VAL A 79 0.48 -4.75 26.93
N ARG A 80 -0.22 -3.88 26.15
CA ARG A 80 -1.44 -3.21 26.60
C ARG A 80 -2.50 -4.28 26.93
N PRO A 81 -3.30 -4.04 27.99
CA PRO A 81 -4.16 -5.10 28.55
C PRO A 81 -5.39 -5.48 27.70
N THR A 82 -5.75 -4.65 26.72
CA THR A 82 -6.84 -4.99 25.79
C THR A 82 -6.33 -5.08 24.35
N ALA A 83 -7.06 -5.82 23.52
CA ALA A 83 -6.73 -5.99 22.11
C ALA A 83 -6.88 -4.63 21.44
N HIS A 84 -8.00 -3.94 21.71
CA HIS A 84 -8.24 -2.58 21.20
C HIS A 84 -7.12 -1.58 21.53
N GLU A 85 -6.69 -1.55 22.77
CA GLU A 85 -5.67 -0.60 23.18
C GLU A 85 -4.34 -0.91 22.52
N ALA A 86 -3.99 -2.20 22.49
CA ALA A 86 -2.81 -2.67 21.75
C ALA A 86 -2.79 -2.12 20.33
N VAL A 87 -3.86 -2.38 19.57
CA VAL A 87 -3.92 -1.94 18.16
C VAL A 87 -3.87 -0.42 18.05
N LEU A 88 -4.62 0.25 18.92
CA LEU A 88 -4.71 1.69 18.95
C LEU A 88 -3.33 2.32 19.16
N ASP A 89 -2.57 1.79 20.10
CA ASP A 89 -1.29 2.37 20.38
C ASP A 89 -0.27 2.00 19.29
N PHE A 90 -0.36 0.79 18.76
CA PHE A 90 0.42 0.44 17.59
C PHE A 90 0.14 1.37 16.36
N LEU A 91 -1.13 1.57 16.03
CA LEU A 91 -1.49 2.36 14.83
C LEU A 91 -1.14 3.85 14.94
N THR A 92 -1.55 4.47 16.04
CA THR A 92 -1.22 5.87 16.30
C THR A 92 0.30 6.05 16.43
N GLY A 93 0.95 5.12 17.14
CA GLY A 93 2.40 5.12 17.28
C GLY A 93 3.11 5.04 15.95
N ARG A 94 2.66 4.13 15.10
CA ARG A 94 3.14 4.02 13.72
C ARG A 94 3.03 5.32 12.92
N VAL A 95 1.90 6.02 13.02
CA VAL A 95 1.75 7.31 12.33
C VAL A 95 2.75 8.32 12.89
N GLU A 96 3.02 8.24 14.20
CA GLU A 96 3.98 9.16 14.86
C GLU A 96 5.39 9.06 14.28
N VAL A 97 5.77 7.86 13.83
CA VAL A 97 7.05 7.65 13.14
C VAL A 97 7.00 8.15 11.69
N PHE A 98 5.95 7.80 10.94
CA PHE A 98 5.82 8.16 9.52
C PHE A 98 5.99 9.63 9.21
N THR A 99 5.66 10.47 10.19
CA THR A 99 5.45 11.90 9.98
C THR A 99 6.46 12.79 10.74
N GLY A 106 8.80 6.44 2.64
CA GLY A 106 8.13 5.40 1.86
C GLY A 106 8.78 4.03 2.02
N CYS A 107 8.12 3.15 2.76
CA CYS A 107 8.73 1.86 3.11
C CYS A 107 8.43 0.77 2.08
N THR A 109 6.55 -1.70 1.19
CA THR A 109 5.24 -2.27 1.51
C THR A 109 4.95 -3.53 0.68
N VAL A 110 5.68 -3.70 -0.42
CA VAL A 110 5.43 -4.81 -1.34
C VAL A 110 6.76 -5.48 -1.74
N GLN A 111 6.67 -6.69 -2.27
CA GLN A 111 7.85 -7.45 -2.62
C GLN A 111 8.12 -7.48 -4.15
N ALA A 112 7.82 -6.37 -4.84
CA ALA A 112 8.03 -6.23 -6.29
C ALA A 112 8.08 -4.75 -6.66
N GLY A 113 8.83 -4.44 -7.70
CA GLY A 113 9.07 -3.07 -8.11
C GLY A 113 8.93 -2.91 -9.60
N LEU A 114 7.97 -2.08 -10.03
CA LEU A 114 7.82 -1.75 -11.42
C LEU A 114 9.12 -1.19 -11.98
N ALA A 115 9.67 -0.16 -11.33
CA ALA A 115 10.93 0.45 -11.80
C ALA A 115 12.19 -0.33 -11.41
N SER A 116 12.25 -0.79 -10.16
CA SER A 116 13.48 -1.37 -9.60
C SER A 116 13.86 -2.77 -10.14
N GLY A 117 12.98 -3.41 -10.90
CA GLY A 117 13.24 -4.77 -11.37
C GLY A 117 13.03 -5.82 -10.30
N GLU A 118 13.43 -7.06 -10.57
CA GLU A 118 13.23 -8.16 -9.62
C GLU A 118 14.05 -7.98 -8.32
N PRO A 119 13.39 -8.09 -7.15
CA PRO A 119 14.13 -8.18 -5.86
C PRO A 119 14.86 -9.50 -5.71
N HIS A 120 16.07 -9.43 -5.18
CA HIS A 120 16.85 -10.64 -4.92
C HIS A 120 16.07 -11.51 -3.98
N HIS A 121 16.18 -12.84 -4.13
CA HIS A 121 15.51 -13.79 -3.26
C HIS A 121 15.80 -13.59 -1.77
N GLU A 122 16.97 -13.06 -1.42
CA GLU A 122 17.32 -12.72 -0.06
C GLU A 122 16.39 -11.64 0.49
N ILE A 123 16.09 -10.66 -0.35
CA ILE A 123 15.25 -9.55 0.03
C ILE A 123 13.80 -9.98 0.14
N VAL A 124 13.33 -10.80 -0.82
CA VAL A 124 11.97 -11.37 -0.78
C VAL A 124 11.73 -12.14 0.53
N ASP A 125 12.68 -13.00 0.89
CA ASP A 125 12.62 -13.82 2.09
C ASP A 125 12.54 -12.98 3.37
N LEU A 126 13.39 -11.97 3.43
CA LEU A 126 13.48 -11.03 4.52
C LEU A 126 12.17 -10.28 4.73
N LEU A 127 11.61 -9.77 3.62
CA LEU A 127 10.37 -9.03 3.65
C LEU A 127 9.19 -9.93 4.00
N THR A 128 9.16 -11.11 3.43
CA THR A 128 8.18 -12.14 3.80
C THR A 128 8.19 -12.49 5.31
N ALA A 129 9.39 -12.71 5.86
CA ALA A 129 9.54 -13.13 7.26
C ALA A 129 9.00 -12.05 8.17
N ALA A 130 9.32 -10.78 7.87
CA ALA A 130 8.97 -9.64 8.69
C ALA A 130 7.46 -9.43 8.68
N ARG A 131 6.88 -9.51 7.47
CA ARG A 131 5.41 -9.50 7.29
C ARG A 131 4.74 -10.59 8.12
N GLU A 132 5.28 -11.79 7.98
CA GLU A 132 4.68 -12.90 8.69
C GLU A 132 4.82 -12.78 10.22
N GLN A 133 6.00 -12.33 10.68
CA GLN A 133 6.20 -12.06 12.11
C GLN A 133 5.15 -11.09 12.65
N ARG A 135 2.19 -10.29 11.41
CA ARG A 135 0.86 -10.90 11.41
C ARG A 135 0.65 -11.89 12.57
N GLN A 136 1.61 -12.78 12.77
CA GLN A 136 1.58 -13.69 13.91
C GLN A 136 1.49 -12.98 15.25
N THR A 137 2.27 -11.91 15.42
CA THR A 137 2.25 -11.17 16.68
C THR A 137 0.87 -10.61 16.98
N VAL A 138 0.19 -10.07 15.97
CA VAL A 138 -1.14 -9.51 16.16
C VAL A 138 -2.17 -10.61 16.39
N LEU A 139 -2.07 -11.66 15.59
CA LEU A 139 -2.96 -12.80 15.69
C LEU A 139 -2.87 -13.47 17.06
N ASP A 140 -1.65 -13.60 17.59
CA ASP A 140 -1.49 -14.16 18.94
C ASP A 140 -2.23 -13.29 19.93
N ARG A 141 -2.07 -11.97 19.79
CA ARG A 141 -2.58 -11.06 20.82
C ARG A 141 -4.07 -11.14 20.86
N PHE A 142 -4.66 -11.32 19.68
CA PHE A 142 -6.09 -11.47 19.51
C PHE A 142 -6.60 -12.76 20.11
N GLU A 143 -5.83 -13.84 19.91
CA GLU A 143 -6.19 -15.17 20.36
C GLU A 143 -6.14 -15.17 21.90
N LYS A 144 -5.10 -14.53 22.44
CA LYS A 144 -4.98 -14.20 23.87
C LYS A 144 -6.18 -13.40 24.42
N ALA A 145 -6.60 -12.39 23.66
CA ALA A 145 -7.69 -11.50 24.05
C ALA A 145 -9.07 -12.18 23.97
N LEU A 146 -9.21 -13.13 23.06
CA LEU A 146 -10.48 -13.84 22.85
C LEU A 146 -10.76 -14.80 24.03
N ALA A 147 -9.69 -15.41 24.54
CA ALA A 147 -9.76 -16.23 25.73
C ALA A 147 -9.93 -15.34 26.96
N ASP A 148 -9.06 -14.34 27.10
CA ASP A 148 -9.06 -13.41 28.24
C ASP A 148 -10.38 -12.63 28.39
N GLY A 149 -11.20 -12.64 27.34
CA GLY A 149 -12.54 -12.07 27.39
C GLY A 149 -12.81 -10.80 26.60
N ASP A 150 -11.77 -10.05 26.25
CA ASP A 150 -12.00 -8.72 25.63
C ASP A 150 -12.41 -8.71 24.17
N LEU A 151 -12.14 -9.80 23.44
CA LEU A 151 -12.76 -9.99 22.14
C LEU A 151 -13.97 -10.92 22.29
N PRO A 152 -15.14 -10.51 21.75
CA PRO A 152 -16.34 -11.37 21.80
C PRO A 152 -16.17 -12.69 21.05
N ALA A 153 -16.54 -13.80 21.69
CA ALA A 153 -16.48 -15.09 21.01
C ALA A 153 -17.24 -14.99 19.69
N GLY A 154 -16.80 -15.72 18.66
CA GLY A 154 -17.32 -15.50 17.31
C GLY A 154 -16.42 -14.62 16.47
N THR A 155 -15.72 -13.67 17.10
CA THR A 155 -14.75 -12.76 16.44
C THR A 155 -13.79 -13.52 15.53
N ASP A 156 -13.70 -13.10 14.28
CA ASP A 156 -12.80 -13.74 13.33
C ASP A 156 -11.44 -13.07 13.45
N CYS A 157 -10.56 -13.71 14.23
CA CYS A 157 -9.23 -13.17 14.59
C CYS A 157 -8.28 -13.12 13.41
N THR A 158 -8.41 -14.11 12.52
CA THR A 158 -7.65 -14.13 11.28
C THR A 158 -8.02 -12.93 10.38
N ALA A 159 -9.31 -12.69 10.12
CA ALA A 159 -9.74 -11.55 9.30
C ALA A 159 -9.42 -10.25 9.99
N LEU A 160 -9.59 -10.20 11.32
CA LEU A 160 -9.27 -9.02 12.07
C LEU A 160 -7.76 -8.64 12.04
N ALA A 161 -6.86 -9.64 12.11
CA ALA A 161 -5.42 -9.40 11.96
C ALA A 161 -5.05 -8.91 10.55
N ARG A 162 -5.63 -9.54 9.52
CA ARG A 162 -5.49 -9.07 8.15
C ARG A 162 -5.96 -7.62 8.00
N TYR A 163 -7.07 -7.25 8.62
CA TYR A 163 -7.50 -5.86 8.60
C TYR A 163 -6.42 -4.93 9.20
N VAL A 164 -5.86 -5.31 10.33
CA VAL A 164 -4.88 -4.46 11.04
C VAL A 164 -3.65 -4.25 10.17
N ALA A 166 -3.58 -4.32 6.83
CA ALA A 166 -4.00 -3.38 5.78
C ALA A 166 -3.98 -1.95 6.30
N ALA A 167 -4.53 -1.72 7.51
CA ALA A 167 -4.54 -0.37 8.07
C ALA A 167 -3.11 0.18 8.22
N VAL A 168 -2.25 -0.62 8.80
CA VAL A 168 -0.89 -0.15 9.05
C VAL A 168 -0.16 0.17 7.72
N TYR A 169 -0.28 -0.71 6.73
CA TYR A 169 0.37 -0.44 5.45
C TYR A 169 -0.32 0.71 4.68
N GLY A 170 -1.63 0.84 4.82
CA GLY A 170 -2.38 1.87 4.07
C GLY A 170 -2.04 3.23 4.64
N LEU A 171 -1.95 3.31 5.97
CA LEU A 171 -1.56 4.55 6.61
C LEU A 171 -0.13 4.90 6.20
N SER A 172 0.69 3.89 5.99
CA SER A 172 2.06 4.05 5.53
C SER A 172 2.12 4.64 4.11
N VAL A 173 1.31 4.09 3.19
CA VAL A 173 1.15 4.64 1.83
C VAL A 173 0.63 6.09 1.84
N GLU A 174 -0.41 6.36 2.64
CA GLU A 174 -0.93 7.73 2.77
C GLU A 174 0.12 8.70 3.21
N ALA A 175 0.88 8.32 4.24
CA ALA A 175 1.96 9.14 4.76
C ALA A 175 3.06 9.37 3.72
N ALA A 176 3.44 8.30 3.02
CA ALA A 176 4.41 8.39 1.92
C ALA A 176 3.93 9.30 0.78
N SER A 177 2.61 9.38 0.57
CA SER A 177 2.02 10.23 -0.50
C SER A 177 1.81 11.68 -0.12
N GLY A 178 2.06 12.02 1.14
CA GLY A 178 2.05 13.39 1.58
C GLY A 178 0.88 13.81 2.46
N ALA A 179 0.10 12.85 2.94
CA ALA A 179 -1.08 13.17 3.73
C ALA A 179 -0.68 14.02 4.94
N PRO A 180 -1.54 14.99 5.34
CA PRO A 180 -1.19 15.74 6.57
C PRO A 180 -1.20 14.87 7.81
N ARG A 181 -0.23 15.13 8.68
CA ARG A 181 -0.03 14.48 9.97
C ARG A 181 -1.29 14.33 10.81
N GLU A 182 -2.02 15.44 10.98
CA GLU A 182 -3.19 15.45 11.87
CA GLU A 182 -3.20 15.46 11.85
C GLU A 182 -4.31 14.58 11.28
N GLU A 183 -4.45 14.58 9.96
CA GLU A 183 -5.43 13.71 9.32
C GLU A 183 -5.08 12.23 9.53
N LEU A 184 -3.81 11.91 9.40
CA LEU A 184 -3.35 10.53 9.56
C LEU A 184 -3.53 10.01 10.98
N THR A 185 -3.36 10.90 11.96
CA THR A 185 -3.50 10.49 13.34
C THR A 185 -4.97 10.18 13.62
N ALA A 186 -5.83 11.02 13.09
CA ALA A 186 -7.26 10.84 13.23
C ALA A 186 -7.72 9.59 12.51
N ALA A 187 -7.17 9.36 11.31
CA ALA A 187 -7.41 8.11 10.57
C ALA A 187 -6.98 6.87 11.34
N ALA A 188 -5.82 6.92 12.03
CA ALA A 188 -5.34 5.78 12.87
C ALA A 188 -6.36 5.46 13.96
N ILE A 189 -6.88 6.50 14.61
CA ILE A 189 -7.82 6.32 15.72
C ILE A 189 -9.13 5.68 15.23
N LEU A 190 -9.61 6.16 14.10
CA LEU A 190 -10.73 5.53 13.39
C LEU A 190 -10.47 4.06 13.08
N ALA A 191 -9.29 3.77 12.55
CA ALA A 191 -8.91 2.43 12.15
C ALA A 191 -8.86 1.44 13.34
N ALA A 192 -8.37 1.92 14.49
CA ALA A 192 -8.39 1.15 15.73
C ALA A 192 -9.79 0.79 16.24
N GLN A 193 -10.81 1.53 15.81
CA GLN A 193 -12.20 1.34 16.28
C GLN A 193 -12.80 0.00 15.89
N VAL A 194 -12.29 -0.64 14.84
CA VAL A 194 -12.85 -1.94 14.41
C VAL A 194 -12.46 -3.17 15.29
N VAL A 195 -11.44 -2.97 16.14
CA VAL A 195 -11.06 -3.94 17.16
C VAL A 195 -11.98 -3.67 18.36
N PRO A 196 -12.99 -4.53 18.59
CA PRO A 196 -14.03 -4.23 19.60
C PRO A 196 -13.45 -4.17 21.01
N ASP B 13 -4.47 -10.55 -22.53
CA ASP B 13 -4.23 -11.32 -21.26
C ASP B 13 -3.84 -10.48 -20.02
N GLN B 14 -2.69 -10.83 -19.41
CA GLN B 14 -2.35 -10.54 -18.02
C GLN B 14 -0.85 -10.26 -17.85
N VAL B 15 0.00 -11.08 -18.48
CA VAL B 15 1.40 -10.67 -18.63
C VAL B 15 1.56 -9.51 -19.65
N ALA B 16 0.69 -9.49 -20.66
CA ALA B 16 0.64 -8.43 -21.67
C ALA B 16 0.38 -7.06 -21.01
N LEU B 17 -0.63 -6.99 -20.15
CA LEU B 17 -0.94 -5.76 -19.37
C LEU B 17 0.18 -5.33 -18.42
N GLN B 18 0.85 -6.31 -17.81
CA GLN B 18 1.98 -6.00 -16.97
C GLN B 18 3.10 -5.44 -17.77
N THR B 19 3.36 -6.01 -18.94
CA THR B 19 4.38 -5.50 -19.84
C THR B 19 4.11 -4.05 -20.27
N ALA B 20 2.86 -3.81 -20.68
CA ALA B 20 2.38 -2.46 -21.00
C ALA B 20 2.50 -1.49 -19.82
N GLU B 22 4.73 -1.59 -17.30
CA GLU B 22 6.15 -1.23 -17.08
C GLU B 22 6.61 -0.17 -18.04
N LEU B 23 6.21 -0.30 -19.30
CA LEU B 23 6.53 0.68 -20.31
C LEU B 23 5.94 2.02 -19.98
N PHE B 24 4.63 2.04 -19.74
CA PHE B 24 3.97 3.32 -19.50
C PHE B 24 4.50 3.88 -18.18
N TRP B 25 4.82 3.00 -17.23
CA TRP B 25 5.27 3.48 -15.91
C TRP B 25 6.55 4.27 -16.12
N ARG B 26 7.50 3.71 -16.85
CA ARG B 26 8.82 4.29 -17.09
C ARG B 26 8.81 5.44 -18.09
N GLN B 27 8.02 5.31 -19.17
CA GLN B 27 8.06 6.26 -20.27
C GLN B 27 6.88 7.27 -20.31
N GLY B 28 5.81 7.00 -19.57
CA GLY B 28 4.61 7.79 -19.73
C GLY B 28 3.86 7.40 -20.99
N TYR B 29 2.70 7.99 -21.17
CA TYR B 29 1.86 7.65 -22.28
C TYR B 29 2.44 8.16 -23.58
N GLU B 30 2.76 9.45 -23.59
CA GLU B 30 3.13 10.18 -24.81
C GLU B 30 4.38 9.64 -25.43
N GLY B 31 5.31 9.22 -24.57
CA GLY B 31 6.60 8.79 -25.01
C GLY B 31 6.66 7.31 -25.24
N THR B 32 5.55 6.60 -25.10
CA THR B 32 5.50 5.17 -25.42
C THR B 32 4.94 5.01 -26.82
N SER B 33 5.70 4.36 -27.72
CA SER B 33 5.22 4.24 -29.08
C SER B 33 4.54 2.90 -29.28
N ILE B 34 3.78 2.78 -30.36
CA ILE B 34 3.27 1.48 -30.82
C ILE B 34 4.44 0.50 -31.01
N THR B 35 5.54 1.02 -31.56
CA THR B 35 6.71 0.21 -31.81
C THR B 35 7.29 -0.32 -30.48
N ASP B 36 7.30 0.50 -29.42
CA ASP B 36 7.71 0.04 -28.09
C ASP B 36 6.84 -1.11 -27.61
N LEU B 37 5.54 -0.99 -27.83
CA LEU B 37 4.60 -2.00 -27.31
C LEU B 37 4.66 -3.32 -28.05
N THR B 38 4.70 -3.25 -29.37
CA THR B 38 4.88 -4.46 -30.21
C THR B 38 6.17 -5.15 -29.90
N LYS B 39 7.26 -4.40 -29.76
CA LYS B 39 8.54 -5.02 -29.41
CA LYS B 39 8.51 -5.07 -29.44
C LYS B 39 8.47 -5.69 -28.03
N ALA B 40 7.90 -4.98 -27.05
CA ALA B 40 7.77 -5.52 -25.67
C ALA B 40 6.85 -6.73 -25.56
N LEU B 41 5.74 -6.70 -26.30
CA LEU B 41 4.76 -7.78 -26.33
C LEU B 41 5.15 -8.93 -27.24
N GLY B 42 6.02 -8.68 -28.20
CA GLY B 42 6.41 -9.75 -29.15
C GLY B 42 5.34 -10.13 -30.17
N ILE B 43 4.39 -9.24 -30.39
CA ILE B 43 3.35 -9.43 -31.43
C ILE B 43 3.38 -8.25 -32.40
N ASN B 44 2.91 -8.46 -33.62
CA ASN B 44 2.92 -7.39 -34.61
C ASN B 44 1.82 -6.33 -34.40
N PRO B 45 1.92 -5.18 -35.09
CA PRO B 45 0.91 -4.12 -34.91
C PRO B 45 -0.55 -4.54 -35.16
N PRO B 46 -0.88 -5.25 -36.27
CA PRO B 46 -2.28 -5.70 -36.41
C PRO B 46 -2.77 -6.65 -35.30
N SER B 47 -1.94 -7.60 -34.86
CA SER B 47 -2.33 -8.43 -33.70
C SER B 47 -2.49 -7.63 -32.39
N LEU B 48 -1.68 -6.61 -32.14
CA LEU B 48 -1.85 -5.77 -30.97
C LEU B 48 -3.21 -5.06 -31.03
N TYR B 49 -3.55 -4.55 -32.22
CA TYR B 49 -4.82 -3.88 -32.41
C TYR B 49 -6.01 -4.83 -32.21
N ALA B 50 -5.98 -5.99 -32.81
CA ALA B 50 -7.02 -7.02 -32.63
C ALA B 50 -7.23 -7.43 -31.18
N ALA B 51 -6.13 -7.60 -30.45
CA ALA B 51 -6.20 -7.97 -29.02
C ALA B 51 -6.53 -6.83 -28.08
N PHE B 52 -5.97 -5.64 -28.29
CA PHE B 52 -6.02 -4.58 -27.28
C PHE B 52 -6.55 -3.26 -27.83
N GLY B 53 -6.69 -3.14 -29.15
CA GLY B 53 -7.19 -1.90 -29.71
C GLY B 53 -6.08 -0.91 -29.96
N SER B 54 -6.44 0.36 -29.91
CA SER B 54 -5.48 1.42 -30.06
C SER B 54 -4.57 1.51 -28.84
N LYS B 55 -3.49 2.29 -28.96
CA LYS B 55 -2.62 2.54 -27.82
C LYS B 55 -3.44 3.08 -26.64
N ARG B 56 -4.39 3.97 -26.95
CA ARG B 56 -5.27 4.55 -25.92
C ARG B 56 -6.12 3.47 -25.28
N ASP B 57 -6.73 2.61 -26.07
CA ASP B 57 -7.53 1.50 -25.51
C ASP B 57 -6.63 0.69 -24.56
N LEU B 58 -5.43 0.34 -25.01
CA LEU B 58 -4.52 -0.49 -24.21
C LEU B 58 -4.14 0.23 -22.89
N PHE B 59 -3.87 1.52 -22.98
CA PHE B 59 -3.51 2.31 -21.78
C PHE B 59 -4.67 2.36 -20.78
N GLU B 60 -5.90 2.55 -21.25
CA GLU B 60 -7.06 2.57 -20.35
C GLU B 60 -7.29 1.20 -19.71
N LYS B 61 -7.02 0.11 -20.45
CA LYS B 61 -7.15 -1.25 -19.89
C LYS B 61 -6.09 -1.50 -18.79
N THR B 62 -4.90 -0.96 -19.02
CA THR B 62 -3.80 -1.10 -18.06
C THR B 62 -4.20 -0.36 -16.75
N LEU B 63 -4.79 0.84 -16.86
CA LEU B 63 -5.24 1.59 -15.70
C LEU B 63 -6.37 0.90 -14.98
N ASP B 64 -7.28 0.26 -15.71
CA ASP B 64 -8.31 -0.57 -15.07
C ASP B 64 -7.67 -1.64 -14.17
N ARG B 65 -6.59 -2.27 -14.65
CA ARG B 65 -5.94 -3.35 -13.92
C ARG B 65 -5.14 -2.81 -12.70
N TYR B 66 -4.47 -1.67 -12.82
CA TYR B 66 -3.49 -1.25 -11.83
C TYR B 66 -3.79 -0.01 -10.99
N CYS B 68 -5.81 1.98 -8.22
CA CYS B 68 -6.78 1.93 -7.10
C CYS B 68 -7.95 2.90 -7.37
N GLU B 69 -7.61 4.11 -7.79
CA GLU B 69 -8.54 5.25 -7.85
C GLU B 69 -9.39 5.37 -9.13
N ARG B 70 -9.58 4.27 -9.85
CA ARG B 70 -10.33 4.26 -11.12
C ARG B 70 -11.71 4.93 -11.04
N THR B 71 -11.92 5.98 -11.86
CA THR B 71 -13.11 6.83 -11.81
C THR B 71 -14.47 6.13 -11.90
N LEU B 72 -14.62 5.26 -12.88
CA LEU B 72 -15.90 4.60 -13.17
C LEU B 72 -16.33 3.70 -12.02
N GLN B 73 -15.38 2.96 -11.43
CA GLN B 73 -15.72 2.07 -10.35
C GLN B 73 -16.00 2.84 -9.07
N LEU B 74 -15.28 3.94 -8.83
CA LEU B 74 -15.56 4.75 -7.65
C LEU B 74 -16.96 5.38 -7.72
N GLU B 75 -17.25 6.00 -8.86
CA GLU B 75 -18.56 6.58 -9.14
C GLU B 75 -19.70 5.57 -9.06
N GLU B 76 -19.49 4.37 -9.61
CA GLU B 76 -20.50 3.34 -9.51
C GLU B 76 -20.75 2.94 -8.06
N ALA B 77 -19.70 2.91 -7.25
CA ALA B 77 -19.86 2.60 -5.83
C ALA B 77 -20.61 3.76 -5.10
N VAL B 79 -22.98 5.58 -5.84
CA VAL B 79 -24.42 5.61 -6.13
C VAL B 79 -25.25 4.82 -5.10
N ARG B 80 -24.62 4.00 -4.30
CA ARG B 80 -25.31 3.30 -3.24
C ARG B 80 -25.98 4.29 -2.28
N PRO B 81 -27.11 3.87 -1.66
CA PRO B 81 -28.00 4.74 -0.91
C PRO B 81 -27.46 5.33 0.40
N THR B 82 -26.38 4.75 0.96
CA THR B 82 -25.75 5.28 2.19
C THR B 82 -24.26 5.36 1.95
N ALA B 83 -23.60 6.23 2.71
CA ALA B 83 -22.13 6.36 2.69
C ALA B 83 -21.46 5.03 3.07
N HIS B 84 -21.99 4.37 4.13
CA HIS B 84 -21.51 3.05 4.53
C HIS B 84 -21.56 2.04 3.36
N GLU B 85 -22.73 1.85 2.75
CA GLU B 85 -22.86 0.92 1.61
C GLU B 85 -21.99 1.31 0.43
N ALA B 86 -21.85 2.63 0.19
CA ALA B 86 -20.96 3.17 -0.85
C ALA B 86 -19.51 2.71 -0.68
N VAL B 87 -18.98 2.99 0.50
CA VAL B 87 -17.63 2.58 0.89
C VAL B 87 -17.43 1.04 0.90
N LEU B 88 -18.41 0.32 1.46
CA LEU B 88 -18.42 -1.13 1.46
C LEU B 88 -18.29 -1.74 0.05
N ASP B 89 -19.17 -1.29 -0.84
CA ASP B 89 -19.18 -1.64 -2.26
C ASP B 89 -17.81 -1.35 -2.87
N PHE B 90 -17.34 -0.13 -2.70
CA PHE B 90 -16.04 0.24 -3.20
C PHE B 90 -14.88 -0.67 -2.72
N LEU B 91 -14.84 -0.89 -1.42
CA LEU B 91 -13.71 -1.65 -0.84
C LEU B 91 -13.71 -3.10 -1.24
N THR B 92 -14.88 -3.75 -1.18
CA THR B 92 -15.00 -5.14 -1.63
C THR B 92 -14.78 -5.33 -3.18
N GLY B 93 -15.22 -4.36 -3.96
CA GLY B 93 -14.96 -4.33 -5.41
C GLY B 93 -13.47 -4.24 -5.72
N ARG B 94 -12.73 -3.43 -4.95
CA ARG B 94 -11.30 -3.27 -5.11
C ARG B 94 -10.63 -4.58 -4.79
N VAL B 95 -11.08 -5.25 -3.74
CA VAL B 95 -10.49 -6.53 -3.36
C VAL B 95 -10.69 -7.57 -4.50
N GLU B 96 -11.83 -7.56 -5.17
CA GLU B 96 -12.02 -8.37 -6.35
C GLU B 96 -10.98 -8.02 -7.45
N VAL B 97 -10.84 -6.74 -7.81
CA VAL B 97 -9.84 -6.33 -8.79
C VAL B 97 -8.40 -6.71 -8.38
N PHE B 98 -8.04 -6.47 -7.12
CA PHE B 98 -6.67 -6.68 -6.60
C PHE B 98 -6.26 -8.15 -6.57
N THR B 99 -7.25 -9.01 -6.45
CA THR B 99 -7.00 -10.43 -6.40
C THR B 99 -7.39 -10.98 -7.75
N GLY B 102 -3.65 -11.21 -7.10
CA GLY B 102 -2.45 -11.87 -6.59
C GLY B 102 -1.26 -11.07 -7.03
N GLN B 103 -1.58 -10.17 -7.97
CA GLN B 103 -0.80 -9.07 -8.53
C GLN B 103 0.23 -8.47 -7.57
N PRO B 104 1.54 -8.77 -7.77
CA PRO B 104 2.58 -8.52 -6.74
C PRO B 104 3.10 -7.09 -6.57
N PHE B 105 2.75 -6.18 -7.47
CA PHE B 105 3.24 -4.79 -7.40
C PHE B 105 2.36 -3.88 -6.50
N GLY B 106 1.12 -4.31 -6.27
CA GLY B 106 0.15 -3.45 -5.65
C GLY B 106 -0.29 -2.50 -6.76
N CYS B 107 -1.16 -1.56 -6.39
CA CYS B 107 -1.66 -0.59 -7.34
C CYS B 107 -0.65 0.51 -7.49
N THR B 109 -0.46 3.79 -7.05
CA THR B 109 -0.06 4.62 -5.89
C THR B 109 0.83 3.93 -4.83
N VAL B 110 0.56 2.67 -4.55
CA VAL B 110 1.46 1.89 -3.71
C VAL B 110 2.88 1.93 -4.31
N GLN B 111 3.00 1.57 -5.60
CA GLN B 111 4.28 1.63 -6.33
C GLN B 111 4.99 3.01 -6.30
N ALA B 112 4.21 4.08 -6.54
CA ALA B 112 4.75 5.44 -6.51
C ALA B 112 5.27 5.84 -5.12
N GLY B 113 4.77 5.18 -4.07
CA GLY B 113 5.15 5.49 -2.69
C GLY B 113 6.47 4.86 -2.26
N LEU B 114 7.04 4.00 -3.12
CA LEU B 114 8.32 3.34 -2.80
C LEU B 114 9.50 4.27 -3.15
N ALA B 115 10.58 4.22 -2.36
CA ALA B 115 11.81 4.96 -2.74
C ALA B 115 12.36 4.28 -3.99
N SER B 116 12.74 5.09 -4.99
CA SER B 116 12.98 4.62 -6.37
C SER B 116 11.84 3.84 -7.00
N PRO B 119 8.33 6.44 -11.34
CA PRO B 119 7.36 6.64 -12.45
C PRO B 119 7.66 7.89 -13.23
N HIS B 120 7.42 7.85 -14.54
CA HIS B 120 7.50 9.04 -15.38
C HIS B 120 6.68 10.21 -14.79
N HIS B 121 7.13 11.45 -15.01
CA HIS B 121 6.39 12.61 -14.44
C HIS B 121 4.88 12.69 -14.86
N GLU B 122 4.56 12.26 -16.08
CA GLU B 122 3.20 12.18 -16.59
C GLU B 122 2.36 11.28 -15.70
N ILE B 123 2.98 10.18 -15.25
CA ILE B 123 2.32 9.19 -14.43
C ILE B 123 2.17 9.71 -13.00
N VAL B 124 3.17 10.47 -12.52
CA VAL B 124 3.11 11.16 -11.22
C VAL B 124 1.91 12.12 -11.19
N ASP B 125 1.79 12.92 -12.25
CA ASP B 125 0.70 13.87 -12.40
C ASP B 125 -0.65 13.16 -12.44
N LEU B 126 -0.70 12.06 -13.17
CA LEU B 126 -1.92 11.26 -13.28
C LEU B 126 -2.38 10.72 -11.89
N LEU B 127 -1.45 10.10 -11.16
CA LEU B 127 -1.75 9.61 -9.82
C LEU B 127 -2.11 10.70 -8.83
N THR B 128 -1.39 11.81 -8.86
CA THR B 128 -1.69 12.95 -7.99
C THR B 128 -3.13 13.45 -8.21
N ALA B 129 -3.53 13.64 -9.48
CA ALA B 129 -4.88 14.04 -9.80
C ALA B 129 -5.90 12.99 -9.37
N ALA B 130 -5.66 11.73 -9.70
CA ALA B 130 -6.61 10.66 -9.39
C ALA B 130 -6.84 10.46 -7.91
N ARG B 131 -5.76 10.64 -7.12
CA ARG B 131 -5.87 10.52 -5.66
C ARG B 131 -6.73 11.63 -5.07
N GLU B 132 -6.55 12.85 -5.56
CA GLU B 132 -7.32 13.95 -5.03
CA GLU B 132 -7.31 13.98 -5.02
C GLU B 132 -8.76 13.95 -5.52
N GLN B 133 -9.00 13.46 -6.72
CA GLN B 133 -10.36 13.32 -7.19
CA GLN B 133 -10.37 13.33 -7.22
C GLN B 133 -11.06 12.23 -6.41
N ARG B 135 -10.37 11.44 -3.21
CA ARG B 135 -10.60 12.03 -1.92
C ARG B 135 -11.85 12.94 -1.98
N GLN B 136 -11.90 13.83 -2.97
CA GLN B 136 -13.04 14.73 -3.12
C GLN B 136 -14.39 14.03 -3.39
N THR B 137 -14.37 12.96 -4.21
CA THR B 137 -15.56 12.16 -4.50
C THR B 137 -16.13 11.49 -3.24
N VAL B 138 -15.22 10.98 -2.42
CA VAL B 138 -15.58 10.39 -1.14
C VAL B 138 -16.12 11.49 -0.23
N LEU B 139 -15.44 12.64 -0.16
CA LEU B 139 -15.94 13.76 0.65
C LEU B 139 -17.33 14.24 0.18
N ASP B 140 -17.54 14.30 -1.14
CA ASP B 140 -18.85 14.72 -1.68
C ASP B 140 -19.86 13.71 -1.20
N ARG B 141 -19.50 12.42 -1.23
CA ARG B 141 -20.46 11.37 -0.75
C ARG B 141 -20.81 11.56 0.74
N PHE B 142 -19.81 11.95 1.53
CA PHE B 142 -19.96 12.16 2.97
C PHE B 142 -20.85 13.39 3.26
N GLU B 143 -20.72 14.41 2.40
CA GLU B 143 -21.49 15.67 2.49
C GLU B 143 -22.99 15.39 2.23
N LYS B 144 -23.25 14.52 1.25
CA LYS B 144 -24.60 14.08 0.92
C LYS B 144 -25.15 13.20 2.02
N ALA B 145 -24.34 12.27 2.54
CA ALA B 145 -24.77 11.46 3.67
C ALA B 145 -25.10 12.23 4.95
N LEU B 146 -24.43 13.35 5.22
CA LEU B 146 -24.77 14.16 6.38
C LEU B 146 -26.15 14.83 6.16
N ALA B 147 -26.41 15.25 4.93
CA ALA B 147 -27.70 15.90 4.60
C ALA B 147 -28.82 14.83 4.67
N ASP B 148 -28.56 13.63 4.15
CA ASP B 148 -29.53 12.55 4.14
C ASP B 148 -29.72 11.99 5.54
N GLY B 149 -28.64 12.05 6.32
CA GLY B 149 -28.70 11.69 7.73
C GLY B 149 -28.21 10.28 8.05
N ASP B 150 -27.63 9.57 7.08
CA ASP B 150 -27.08 8.23 7.38
C ASP B 150 -25.66 8.33 7.93
N LEU B 151 -25.03 9.49 7.76
CA LEU B 151 -23.78 9.81 8.47
C LEU B 151 -24.14 10.71 9.64
N PRO B 152 -23.77 10.29 10.87
CA PRO B 152 -24.10 11.07 12.07
C PRO B 152 -23.52 12.48 12.00
N ALA B 153 -24.29 13.46 12.48
CA ALA B 153 -23.85 14.85 12.41
C ALA B 153 -22.57 15.01 13.26
N GLY B 154 -21.63 15.83 12.82
CA GLY B 154 -20.39 15.99 13.58
C GLY B 154 -19.33 14.95 13.18
N THR B 155 -19.66 14.08 12.23
CA THR B 155 -18.64 13.13 11.70
C THR B 155 -17.48 13.96 11.17
N ASP B 156 -16.25 13.62 11.57
CA ASP B 156 -15.10 14.22 10.93
C ASP B 156 -14.94 13.65 9.52
N CYS B 157 -15.45 14.37 8.52
CA CYS B 157 -15.46 13.82 7.13
C CYS B 157 -14.07 13.75 6.50
N THR B 158 -13.25 14.74 6.85
CA THR B 158 -11.89 14.85 6.37
C THR B 158 -11.04 13.68 6.84
N ALA B 159 -11.07 13.42 8.15
CA ALA B 159 -10.46 12.25 8.72
C ALA B 159 -10.99 10.94 8.15
N LEU B 160 -12.31 10.84 8.00
CA LEU B 160 -12.92 9.61 7.52
C LEU B 160 -12.59 9.31 6.04
N ALA B 161 -12.52 10.35 5.20
CA ALA B 161 -12.00 10.22 3.81
C ALA B 161 -10.57 9.69 3.75
N ARG B 162 -9.69 10.25 4.57
CA ARG B 162 -8.31 9.81 4.67
C ARG B 162 -8.27 8.35 5.12
N TYR B 163 -9.11 8.00 6.06
CA TYR B 163 -9.12 6.60 6.47
C TYR B 163 -9.51 5.68 5.31
N VAL B 164 -10.54 6.05 4.54
CA VAL B 164 -10.97 5.23 3.39
C VAL B 164 -9.86 5.04 2.38
N ALA B 166 -6.51 5.24 3.03
CA ALA B 166 -5.63 4.30 3.74
C ALA B 166 -6.14 2.86 3.64
N ALA B 167 -7.44 2.66 3.84
CA ALA B 167 -7.98 1.31 3.72
C ALA B 167 -7.80 0.69 2.30
N VAL B 168 -8.08 1.44 1.25
CA VAL B 168 -7.92 0.94 -0.12
CA VAL B 168 -7.95 0.83 -0.05
C VAL B 168 -6.49 0.54 -0.44
N TYR B 169 -5.56 1.45 -0.13
CA TYR B 169 -4.15 1.18 -0.40
C TYR B 169 -3.63 0.02 0.45
N GLY B 170 -4.08 -0.07 1.70
CA GLY B 170 -3.66 -1.19 2.60
C GLY B 170 -4.17 -2.52 2.12
N LEU B 171 -5.43 -2.55 1.69
CA LEU B 171 -5.95 -3.79 1.08
C LEU B 171 -5.19 -4.15 -0.20
N SER B 172 -4.79 -3.14 -0.99
CA SER B 172 -3.96 -3.41 -2.19
C SER B 172 -2.61 -4.07 -1.82
N VAL B 173 -1.97 -3.50 -0.81
CA VAL B 173 -0.70 -4.05 -0.30
C VAL B 173 -0.85 -5.53 0.15
N GLU B 174 -1.90 -5.82 0.89
CA GLU B 174 -2.13 -7.17 1.36
C GLU B 174 -2.40 -8.12 0.21
N ALA B 175 -3.20 -7.68 -0.77
CA ALA B 175 -3.45 -8.47 -1.97
C ALA B 175 -2.17 -8.79 -2.73
N ALA B 176 -1.34 -7.76 -2.94
CA ALA B 176 -0.08 -7.86 -3.63
C ALA B 176 0.87 -8.87 -2.96
N SER B 177 0.73 -9.03 -1.65
CA SER B 177 1.62 -9.88 -0.86
C SER B 177 1.06 -11.30 -0.83
N GLY B 178 -0.14 -11.50 -1.35
CA GLY B 178 -0.63 -12.86 -1.51
C GLY B 178 -1.66 -13.28 -0.49
N ALA B 179 -2.29 -12.32 0.18
CA ALA B 179 -3.34 -12.62 1.12
C ALA B 179 -4.48 -13.37 0.42
N PRO B 180 -5.05 -14.41 1.07
CA PRO B 180 -6.18 -15.14 0.49
C PRO B 180 -7.34 -14.20 0.25
N ARG B 181 -8.08 -14.44 -0.83
CA ARG B 181 -9.17 -13.54 -1.23
C ARG B 181 -10.35 -13.50 -0.25
N GLU B 182 -10.78 -14.63 0.30
CA GLU B 182 -11.90 -14.64 1.26
CA GLU B 182 -11.91 -14.56 1.23
C GLU B 182 -11.53 -13.87 2.54
N GLU B 183 -10.29 -14.05 2.96
CA GLU B 183 -9.77 -13.33 4.11
C GLU B 183 -9.69 -11.80 3.83
N LEU B 184 -9.24 -11.42 2.65
CA LEU B 184 -9.13 -9.99 2.32
C LEU B 184 -10.50 -9.33 2.19
N THR B 185 -11.46 -10.08 1.64
CA THR B 185 -12.83 -9.63 1.53
C THR B 185 -13.43 -9.42 2.94
N ALA B 186 -13.18 -10.37 3.85
CA ALA B 186 -13.60 -10.20 5.24
C ALA B 186 -12.95 -8.95 5.86
N ALA B 187 -11.67 -8.72 5.58
CA ALA B 187 -11.00 -7.52 6.04
C ALA B 187 -11.62 -6.22 5.49
N ALA B 188 -12.01 -6.21 4.22
CA ALA B 188 -12.63 -5.01 3.60
C ALA B 188 -14.00 -4.71 4.22
N ILE B 189 -14.78 -5.78 4.52
CA ILE B 189 -16.04 -5.68 5.23
C ILE B 189 -15.84 -5.08 6.64
N LEU B 190 -14.84 -5.55 7.38
CA LEU B 190 -14.50 -4.90 8.66
C LEU B 190 -14.06 -3.45 8.48
N ALA B 191 -13.30 -3.17 7.43
CA ALA B 191 -12.82 -1.81 7.23
C ALA B 191 -13.98 -0.85 6.98
N ALA B 192 -14.99 -1.32 6.24
CA ALA B 192 -16.15 -0.50 5.91
C ALA B 192 -16.95 -0.08 7.15
N GLN B 193 -16.87 -0.90 8.20
CA GLN B 193 -17.58 -0.67 9.46
C GLN B 193 -17.29 0.68 10.06
N VAL B 194 -16.11 1.22 9.78
CA VAL B 194 -15.72 2.54 10.24
C VAL B 194 -16.57 3.67 9.66
N VAL B 195 -17.14 3.46 8.49
CA VAL B 195 -18.14 4.42 7.97
C VAL B 195 -19.50 4.10 8.60
N PRO B 196 -19.95 4.94 9.55
CA PRO B 196 -21.17 4.58 10.29
C PRO B 196 -22.44 4.67 9.46
N ARG B 197 -23.44 3.88 9.83
CA ARG B 197 -24.79 4.03 9.29
CA ARG B 197 -24.79 4.02 9.28
C ARG B 197 -25.76 4.33 10.41
N ALA B 198 -26.09 5.61 10.58
CA ALA B 198 -27.06 6.04 11.61
C ALA B 198 -28.47 5.62 11.26
#